data_9BC4
#
_entry.id   9BC4
#
_cell.length_a   46.430
_cell.length_b   69.810
_cell.length_c   77.780
_cell.angle_alpha   90.00
_cell.angle_beta   107.24
_cell.angle_gamma   90.00
#
_symmetry.space_group_name_H-M   'P 1 21 1'
#
loop_
_entity.id
_entity.type
_entity.pdbx_description
1 polymer 'Protein-glutamine gamma-glutamyltransferase 2'
2 polymer 'HB-225 (gluten peptidomimetic TG2 inhibitor)'
3 non-polymer 'CALCIUM ION'
4 non-polymer GLYCEROL
5 water water
#
loop_
_entity_poly.entity_id
_entity_poly.type
_entity_poly.pdbx_seq_one_letter_code
_entity_poly.pdbx_strand_id
1 'polypeptide(L)'
;MAEELVLERCDLELETNGRDHHTADLCREKLVVRRGQPFWLTLHFEGRNYEASVDSLTFSVVTGPAPSQEAGTKARFPLR
DAVEEGDWTATVVDQQDCTLSLQLTTPANAPIGLYRLSLEASTGYQGSSFVLGHFILLFNAWCPADAVYLDSEEERQEYV
LTQQGFIYQGSAKFIKNIPWNFGQFEDGILDICLILLDVNPKFLKNAGRDCSRRSSPVYVGRVVSGMVNCNDDQGVLLGR
WDNNYGDGVSPMSWIGSVDILRRWKNHGCQRVKYGQCWVFAAVACTVLRCLGIPTRVVTNYNSAHDQNSNLLIEYFRNEF
GEIQGDKSEMIWNFHCWVESWMTRPDLQPGYEGWQALDPTPQEKSEGTYCCGPVPVRAIKEGDLSTKYDAPFVFAEVNAD
VVDWIQQDDGSVHKSINRSLIVGLKISTKSVGRDEREDITHTYKYPEGSSEEREAFTRANHLNKLAEKEETGMAMRIRVG
QSMNMGSDFDVFAHITNNTAEEYVCRLLLCARTVSYNGILGPECGTKYLLNLNLEPFSEKSVPLCILYEKYRDCLTESNL
IKVRALLVEPVINSYLLAERDLYLENPEIKIRILGEPKQKRKLVAEVSLQNPLPVALEGCTFTVEGAGLTEEQKTVEIPD
PVEAGEEVKVRMDLLPLHMGLHKLVVNFESDKLKAVKGFRNVIIGPA
;
A
2 'polypeptide(L)' (ACE)P(A1ALE)(DLE)PF(NH2) E
#
# COMPACT_ATOMS: atom_id res chain seq x y z
N ALA A 2 -48.53 -9.54 -11.51
CA ALA A 2 -47.36 -10.39 -11.14
C ALA A 2 -46.99 -10.14 -9.67
N GLU A 3 -46.81 -11.22 -8.92
CA GLU A 3 -46.29 -11.11 -7.55
C GLU A 3 -44.85 -10.58 -7.60
N GLU A 4 -44.41 -10.02 -6.47
CA GLU A 4 -43.10 -9.43 -6.36
C GLU A 4 -42.06 -10.55 -6.41
N LEU A 5 -40.85 -10.22 -6.88
CA LEU A 5 -39.74 -11.15 -6.83
C LEU A 5 -39.36 -11.47 -5.39
N VAL A 6 -38.96 -12.72 -5.14
CA VAL A 6 -38.46 -13.15 -3.85
C VAL A 6 -37.08 -13.76 -4.11
N LEU A 7 -36.05 -13.21 -3.46
CA LEU A 7 -34.69 -13.70 -3.64
C LEU A 7 -34.44 -14.85 -2.66
N GLU A 8 -33.97 -15.98 -3.20
CA GLU A 8 -33.46 -17.11 -2.44
C GLU A 8 -32.05 -16.84 -1.94
N ARG A 9 -31.12 -16.54 -2.86
CA ARG A 9 -29.73 -16.29 -2.52
C ARG A 9 -29.05 -15.59 -3.70
N CYS A 10 -27.92 -14.93 -3.41
CA CYS A 10 -27.03 -14.34 -4.41
C CYS A 10 -25.68 -15.05 -4.40
N ASP A 11 -25.32 -15.72 -5.50
CA ASP A 11 -24.04 -16.38 -5.62
C ASP A 11 -23.01 -15.37 -6.13
N LEU A 12 -21.97 -15.12 -5.31
CA LEU A 12 -20.92 -14.15 -5.60
C LEU A 12 -19.85 -14.70 -6.57
N GLU A 13 -20.02 -15.94 -7.04
CA GLU A 13 -19.15 -16.53 -8.04
C GLU A 13 -17.67 -16.35 -7.67
N LEU A 14 -17.27 -16.90 -6.51
CA LEU A 14 -15.94 -16.68 -5.96
C LEU A 14 -14.90 -17.31 -6.88
N GLU A 15 -15.11 -18.56 -7.31
CA GLU A 15 -14.06 -19.25 -8.06
C GLU A 15 -13.73 -18.47 -9.33
N THR A 16 -14.74 -18.07 -10.12
CA THR A 16 -14.52 -17.42 -11.40
C THR A 16 -13.99 -15.99 -11.23
N ASN A 17 -14.62 -15.24 -10.31
CA ASN A 17 -14.17 -13.89 -10.03
C ASN A 17 -12.73 -13.91 -9.53
N GLY A 18 -12.39 -14.83 -8.61
CA GLY A 18 -11.03 -14.84 -8.06
C GLY A 18 -9.98 -14.99 -9.18
N ARG A 19 -10.23 -15.93 -10.09
CA ARG A 19 -9.28 -16.22 -11.16
C ARG A 19 -9.12 -15.00 -12.07
N ASP A 20 -10.25 -14.46 -12.56
CA ASP A 20 -10.27 -13.31 -13.46
C ASP A 20 -9.63 -12.07 -12.84
N HIS A 21 -9.84 -11.86 -11.54
CA HIS A 21 -9.39 -10.65 -10.86
C HIS A 21 -8.03 -10.82 -10.16
N HIS A 22 -7.37 -11.97 -10.34
CA HIS A 22 -6.11 -12.22 -9.70
C HIS A 22 -6.23 -12.06 -8.18
N THR A 23 -7.33 -12.59 -7.61
CA THR A 23 -7.63 -12.51 -6.18
C THR A 23 -8.05 -13.89 -5.65
N ALA A 24 -7.57 -14.96 -6.29
CA ALA A 24 -8.12 -16.29 -6.00
C ALA A 24 -7.85 -16.65 -4.53
N ASP A 25 -6.62 -16.41 -4.07
CA ASP A 25 -6.27 -16.70 -2.69
C ASP A 25 -7.11 -15.89 -1.70
N LEU A 26 -7.60 -14.72 -2.12
CA LEU A 26 -8.39 -13.86 -1.23
C LEU A 26 -9.85 -14.23 -1.22
N CYS A 27 -10.28 -15.04 -2.21
CA CYS A 27 -11.69 -15.31 -2.45
C CYS A 27 -12.12 -16.66 -1.89
N ARG A 28 -11.47 -17.15 -0.84
CA ARG A 28 -11.81 -18.48 -0.33
C ARG A 28 -13.21 -18.43 0.29
N GLU A 29 -13.51 -17.32 0.97
CA GLU A 29 -14.71 -17.22 1.78
C GLU A 29 -15.54 -15.98 1.46
N LYS A 30 -14.91 -14.90 0.99
CA LYS A 30 -15.62 -13.69 0.61
C LYS A 30 -15.15 -13.22 -0.75
N LEU A 31 -15.99 -12.42 -1.42
CA LEU A 31 -15.67 -11.92 -2.74
C LEU A 31 -14.67 -10.78 -2.64
N VAL A 32 -13.55 -10.88 -3.37
CA VAL A 32 -12.58 -9.80 -3.48
C VAL A 32 -12.30 -9.59 -4.95
N VAL A 33 -12.48 -8.34 -5.39
CA VAL A 33 -12.36 -7.98 -6.81
C VAL A 33 -11.48 -6.73 -6.90
N ARG A 34 -11.04 -6.43 -8.13
CA ARG A 34 -10.22 -5.27 -8.43
C ARG A 34 -11.01 -4.27 -9.27
N ARG A 35 -10.89 -2.98 -8.93
CA ARG A 35 -11.70 -1.93 -9.52
C ARG A 35 -11.45 -1.79 -11.03
N GLY A 36 -12.45 -1.24 -11.72
CA GLY A 36 -12.32 -0.96 -13.14
C GLY A 36 -12.55 -2.20 -14.00
N GLN A 37 -12.92 -3.32 -13.37
CA GLN A 37 -13.02 -4.57 -14.12
C GLN A 37 -14.36 -5.25 -13.83
N PRO A 38 -14.98 -5.92 -14.83
CA PRO A 38 -16.28 -6.57 -14.61
C PRO A 38 -16.16 -7.77 -13.67
N PHE A 39 -17.22 -8.07 -12.92
CA PHE A 39 -17.32 -9.32 -12.19
C PHE A 39 -18.73 -9.87 -12.27
N TRP A 40 -18.87 -11.17 -12.02
CA TRP A 40 -20.15 -11.86 -12.17
C TRP A 40 -20.85 -12.01 -10.84
N LEU A 41 -22.19 -12.05 -10.88
CA LEU A 41 -23.06 -12.42 -9.79
C LEU A 41 -24.20 -13.24 -10.38
N THR A 42 -24.74 -14.18 -9.61
CA THR A 42 -25.93 -14.90 -10.03
C THR A 42 -26.96 -14.87 -8.91
N LEU A 43 -28.14 -14.33 -9.25
CA LEU A 43 -29.29 -14.32 -8.36
C LEU A 43 -30.13 -15.57 -8.59
N HIS A 44 -30.64 -16.12 -7.47
CA HIS A 44 -31.54 -17.27 -7.46
C HIS A 44 -32.87 -16.82 -6.87
N PHE A 45 -33.96 -16.98 -7.65
CA PHE A 45 -35.27 -16.52 -7.23
C PHE A 45 -36.09 -17.71 -6.74
N GLU A 46 -37.05 -17.42 -5.85
CA GLU A 46 -37.78 -18.44 -5.11
C GLU A 46 -39.13 -18.76 -5.73
N GLY A 47 -39.73 -17.79 -6.43
CA GLY A 47 -40.92 -18.08 -7.22
C GLY A 47 -40.61 -18.00 -8.73
N ARG A 48 -41.24 -17.03 -9.40
CA ARG A 48 -40.92 -16.74 -10.78
C ARG A 48 -39.56 -16.05 -10.91
N ASN A 49 -39.07 -16.00 -12.14
CA ASN A 49 -37.80 -15.36 -12.46
C ASN A 49 -38.08 -13.92 -12.88
N TYR A 50 -36.99 -13.15 -12.99
CA TYR A 50 -36.96 -11.82 -13.57
C TYR A 50 -37.62 -11.82 -14.94
N GLU A 51 -38.50 -10.82 -15.16
CA GLU A 51 -39.09 -10.57 -16.47
C GLU A 51 -38.87 -9.12 -16.85
N ALA A 52 -38.17 -8.88 -17.96
CA ALA A 52 -37.74 -7.54 -18.33
C ALA A 52 -38.93 -6.62 -18.57
N SER A 53 -40.04 -7.20 -19.01
CA SER A 53 -41.22 -6.42 -19.32
C SER A 53 -41.92 -5.95 -18.04
N VAL A 54 -41.59 -6.54 -16.88
CA VAL A 54 -42.36 -6.33 -15.66
C VAL A 54 -41.53 -5.72 -14.53
N ASP A 55 -40.30 -6.23 -14.35
CA ASP A 55 -39.51 -5.95 -13.15
C ASP A 55 -38.53 -4.81 -13.42
N SER A 56 -38.41 -3.88 -12.48
CA SER A 56 -37.27 -2.97 -12.51
C SER A 56 -36.39 -3.21 -11.28
N LEU A 57 -35.11 -3.49 -11.54
CA LEU A 57 -34.11 -3.77 -10.52
C LEU A 57 -33.13 -2.60 -10.46
N THR A 58 -32.86 -2.13 -9.23
CA THR A 58 -31.87 -1.09 -8.97
C THR A 58 -30.88 -1.57 -7.92
N PHE A 59 -29.59 -1.36 -8.21
CA PHE A 59 -28.50 -1.74 -7.31
C PHE A 59 -28.00 -0.52 -6.56
N SER A 60 -27.53 -0.74 -5.33
CA SER A 60 -26.93 0.29 -4.52
C SER A 60 -25.69 -0.32 -3.85
N VAL A 61 -24.58 0.43 -3.87
CA VAL A 61 -23.38 0.02 -3.16
C VAL A 61 -22.98 1.15 -2.20
N VAL A 62 -22.47 0.77 -1.03
CA VAL A 62 -21.95 1.74 -0.08
C VAL A 62 -20.71 1.18 0.62
N THR A 63 -19.77 2.10 0.93
CA THR A 63 -18.60 1.77 1.73
C THR A 63 -18.42 2.83 2.82
N GLY A 64 -18.01 2.33 3.99
CA GLY A 64 -17.61 3.19 5.08
C GLY A 64 -18.83 3.75 5.81
N PRO A 65 -18.60 4.49 6.91
CA PRO A 65 -19.68 4.84 7.83
C PRO A 65 -20.52 6.05 7.45
N ALA A 66 -20.09 6.83 6.45
CA ALA A 66 -20.85 7.98 5.98
C ALA A 66 -20.85 8.04 4.45
N PRO A 67 -21.42 7.05 3.75
CA PRO A 67 -21.33 7.01 2.29
C PRO A 67 -22.13 8.15 1.65
N SER A 68 -21.65 8.64 0.50
CA SER A 68 -22.38 9.62 -0.28
C SER A 68 -21.93 9.53 -1.73
N GLN A 69 -22.84 9.82 -2.67
CA GLN A 69 -22.57 9.80 -4.09
C GLN A 69 -21.52 10.87 -4.45
N GLU A 70 -21.55 12.03 -3.79
CA GLU A 70 -20.61 13.10 -4.07
C GLU A 70 -19.16 12.68 -3.78
N ALA A 71 -18.98 11.88 -2.73
CA ALA A 71 -17.66 11.44 -2.29
C ALA A 71 -17.23 10.14 -2.97
N GLY A 72 -18.10 9.54 -3.79
CA GLY A 72 -17.79 8.31 -4.50
C GLY A 72 -17.95 7.04 -3.66
N THR A 73 -18.49 7.16 -2.44
CA THR A 73 -18.57 6.04 -1.54
C THR A 73 -19.97 5.46 -1.54
N LYS A 74 -20.84 6.00 -2.41
CA LYS A 74 -22.16 5.43 -2.68
C LYS A 74 -22.51 5.57 -4.15
N ALA A 75 -23.11 4.52 -4.74
CA ALA A 75 -23.58 4.60 -6.10
C ALA A 75 -24.86 3.79 -6.24
N ARG A 76 -25.73 4.27 -7.13
CA ARG A 76 -27.02 3.66 -7.43
C ARG A 76 -27.09 3.48 -8.94
N PHE A 77 -27.53 2.33 -9.41
CA PHE A 77 -27.47 2.08 -10.84
C PHE A 77 -28.48 1.00 -11.17
N PRO A 78 -29.21 1.13 -12.31
CA PRO A 78 -30.26 0.18 -12.64
C PRO A 78 -29.66 -0.97 -13.42
N LEU A 79 -30.30 -2.13 -13.30
CA LEU A 79 -30.05 -3.24 -14.21
C LEU A 79 -30.48 -2.85 -15.61
N ARG A 80 -29.51 -2.70 -16.52
CA ARG A 80 -29.78 -2.24 -17.88
C ARG A 80 -29.48 -3.36 -18.86
N ASP A 87 -20.51 4.33 -14.81
CA ASP A 87 -19.26 3.61 -14.44
C ASP A 87 -19.56 2.45 -13.49
N TRP A 88 -20.38 2.66 -12.46
CA TRP A 88 -21.07 1.53 -11.83
C TRP A 88 -22.23 1.08 -12.72
N THR A 89 -22.19 -0.16 -13.20
CA THR A 89 -23.24 -0.69 -14.05
C THR A 89 -23.54 -2.14 -13.67
N ALA A 90 -24.72 -2.60 -14.10
CA ALA A 90 -25.17 -3.98 -14.00
C ALA A 90 -25.89 -4.36 -15.30
N THR A 91 -25.60 -5.53 -15.86
N THR A 91 -25.57 -5.52 -15.89
CA THR A 91 -26.27 -5.99 -17.08
CA THR A 91 -26.24 -5.99 -17.09
C THR A 91 -26.53 -7.49 -17.01
C THR A 91 -26.57 -7.48 -16.95
N VAL A 92 -27.62 -7.94 -17.64
CA VAL A 92 -28.03 -9.34 -17.64
C VAL A 92 -27.14 -10.06 -18.62
N VAL A 93 -26.64 -11.25 -18.29
CA VAL A 93 -25.84 -12.00 -19.23
C VAL A 93 -26.49 -13.33 -19.59
N ASP A 94 -27.30 -13.88 -18.69
CA ASP A 94 -27.98 -15.14 -18.95
C ASP A 94 -29.17 -15.28 -18.02
N GLN A 95 -30.14 -16.07 -18.46
CA GLN A 95 -31.31 -16.38 -17.66
C GLN A 95 -31.67 -17.86 -17.88
N GLN A 96 -31.78 -18.60 -16.78
CA GLN A 96 -32.05 -20.03 -16.81
C GLN A 96 -32.88 -20.41 -15.60
N ASP A 97 -33.98 -21.15 -15.83
CA ASP A 97 -34.95 -21.55 -14.80
C ASP A 97 -35.23 -20.45 -13.75
N CYS A 98 -34.63 -20.56 -12.57
CA CYS A 98 -34.93 -19.66 -11.47
C CYS A 98 -33.80 -18.65 -11.24
N THR A 99 -32.82 -18.59 -12.16
CA THR A 99 -31.58 -17.85 -11.91
C THR A 99 -31.37 -16.77 -12.95
N LEU A 100 -30.70 -15.69 -12.52
CA LEU A 100 -30.35 -14.54 -13.35
C LEU A 100 -28.86 -14.23 -13.21
N SER A 101 -28.12 -14.38 -14.32
CA SER A 101 -26.69 -14.17 -14.35
C SER A 101 -26.37 -12.75 -14.77
N LEU A 102 -25.70 -12.01 -13.87
CA LEU A 102 -25.39 -10.61 -14.08
C LEU A 102 -23.87 -10.40 -14.18
N GLN A 103 -23.50 -9.30 -14.85
CA GLN A 103 -22.16 -8.73 -14.81
C GLN A 103 -22.24 -7.31 -14.27
N LEU A 104 -21.39 -7.02 -13.27
CA LEU A 104 -21.25 -5.70 -12.68
C LEU A 104 -19.86 -5.15 -13.03
N THR A 105 -19.77 -3.83 -13.18
CA THR A 105 -18.50 -3.13 -13.41
C THR A 105 -18.40 -1.99 -12.40
N THR A 106 -17.17 -1.68 -12.00
CA THR A 106 -16.84 -0.61 -11.09
C THR A 106 -15.98 0.40 -11.85
N PRO A 107 -15.94 1.69 -11.43
CA PRO A 107 -14.97 2.63 -11.97
C PRO A 107 -13.53 2.35 -11.52
N ALA A 108 -12.59 2.64 -12.43
CA ALA A 108 -11.17 2.42 -12.18
C ALA A 108 -10.62 3.39 -11.14
N ASN A 109 -11.44 4.36 -10.70
CA ASN A 109 -11.05 5.32 -9.68
C ASN A 109 -11.93 5.23 -8.44
N ALA A 110 -12.65 4.12 -8.28
CA ALA A 110 -13.51 3.90 -7.12
C ALA A 110 -12.67 3.79 -5.86
N PRO A 111 -13.17 4.31 -4.71
CA PRO A 111 -12.49 4.11 -3.44
C PRO A 111 -12.34 2.62 -3.15
N ILE A 112 -11.17 2.18 -2.68
CA ILE A 112 -11.00 0.79 -2.29
C ILE A 112 -11.66 0.53 -0.94
N GLY A 113 -12.02 -0.74 -0.71
CA GLY A 113 -12.47 -1.19 0.59
C GLY A 113 -13.68 -2.10 0.51
N LEU A 114 -14.36 -2.21 1.65
CA LEU A 114 -15.48 -3.09 1.82
C LEU A 114 -16.77 -2.37 1.40
N TYR A 115 -17.45 -2.95 0.42
CA TYR A 115 -18.76 -2.43 0.02
C TYR A 115 -19.85 -3.41 0.42
N ARG A 116 -21.01 -2.86 0.78
CA ARG A 116 -22.26 -3.62 0.87
C ARG A 116 -23.10 -3.39 -0.39
N LEU A 117 -23.52 -4.47 -1.02
CA LEU A 117 -24.29 -4.44 -2.25
C LEU A 117 -25.75 -4.79 -1.92
N SER A 118 -26.68 -3.93 -2.38
CA SER A 118 -28.10 -4.13 -2.16
C SER A 118 -28.85 -4.05 -3.47
N LEU A 119 -30.07 -4.59 -3.44
CA LEU A 119 -30.96 -4.69 -4.60
C LEU A 119 -32.33 -4.17 -4.20
N GLU A 120 -32.89 -3.29 -5.03
CA GLU A 120 -34.27 -2.84 -4.89
C GLU A 120 -35.04 -3.39 -6.09
N ALA A 121 -36.16 -4.07 -5.83
CA ALA A 121 -36.98 -4.60 -6.90
C ALA A 121 -38.41 -4.05 -6.80
N SER A 122 -38.98 -3.74 -7.98
CA SER A 122 -40.29 -3.10 -8.11
C SER A 122 -41.01 -3.64 -9.35
N THR A 123 -42.35 -3.70 -9.29
CA THR A 123 -43.15 -3.98 -10.48
C THR A 123 -44.11 -2.83 -10.76
N GLY A 124 -43.92 -1.68 -10.10
CA GLY A 124 -44.67 -0.46 -10.43
C GLY A 124 -45.30 0.16 -9.19
N TYR A 125 -45.20 -0.54 -8.05
CA TYR A 125 -45.78 -0.12 -6.78
C TYR A 125 -44.63 0.04 -5.76
N GLN A 126 -44.77 -0.55 -4.57
CA GLN A 126 -43.76 -0.43 -3.53
C GLN A 126 -42.53 -1.25 -3.92
N GLY A 127 -41.35 -0.73 -3.56
CA GLY A 127 -40.12 -1.46 -3.79
C GLY A 127 -39.80 -2.34 -2.58
N SER A 128 -39.18 -3.49 -2.84
CA SER A 128 -38.61 -4.31 -1.80
C SER A 128 -37.08 -4.31 -1.92
N SER A 129 -36.41 -4.24 -0.77
CA SER A 129 -34.96 -4.13 -0.71
C SER A 129 -34.37 -5.44 -0.18
N PHE A 130 -33.26 -5.86 -0.77
CA PHE A 130 -32.54 -7.06 -0.35
C PHE A 130 -31.06 -6.69 -0.22
N VAL A 131 -30.38 -7.25 0.78
CA VAL A 131 -28.92 -7.18 0.82
C VAL A 131 -28.39 -8.40 0.07
N LEU A 132 -27.61 -8.15 -0.96
CA LEU A 132 -27.08 -9.23 -1.78
C LEU A 132 -25.81 -9.80 -1.15
N GLY A 133 -25.08 -9.00 -0.35
CA GLY A 133 -23.81 -9.47 0.20
C GLY A 133 -22.80 -8.33 0.28
N HIS A 134 -21.55 -8.68 0.57
CA HIS A 134 -20.47 -7.71 0.61
C HIS A 134 -19.39 -8.11 -0.39
N PHE A 135 -18.58 -7.15 -0.83
CA PHE A 135 -17.36 -7.45 -1.55
C PHE A 135 -16.28 -6.42 -1.16
N ILE A 136 -15.02 -6.82 -1.33
CA ILE A 136 -13.93 -5.89 -1.11
C ILE A 136 -13.36 -5.50 -2.47
N LEU A 137 -13.22 -4.20 -2.67
CA LEU A 137 -12.67 -3.67 -3.91
C LEU A 137 -11.24 -3.17 -3.68
N LEU A 138 -10.31 -3.64 -4.52
CA LEU A 138 -8.89 -3.36 -4.44
C LEU A 138 -8.38 -2.62 -5.68
N PHE A 139 -7.15 -2.11 -5.54
CA PHE A 139 -6.47 -1.46 -6.65
C PHE A 139 -6.22 -2.52 -7.73
N ASN A 140 -6.14 -2.09 -9.00
CA ASN A 140 -6.10 -3.00 -10.12
C ASN A 140 -4.92 -2.72 -11.05
N ALA A 141 -3.79 -3.39 -10.84
CA ALA A 141 -2.60 -3.09 -11.64
C ALA A 141 -2.73 -3.64 -13.06
N TRP A 142 -3.78 -4.41 -13.33
CA TRP A 142 -3.97 -4.98 -14.67
C TRP A 142 -4.81 -4.05 -15.55
N CYS A 143 -5.42 -3.02 -14.96
CA CYS A 143 -6.39 -2.18 -15.65
C CYS A 143 -5.74 -0.90 -16.17
N PRO A 144 -5.67 -0.69 -17.52
CA PRO A 144 -5.01 0.49 -18.07
C PRO A 144 -5.51 1.84 -17.52
N ALA A 145 -6.75 1.91 -17.03
CA ALA A 145 -7.31 3.18 -16.59
C ALA A 145 -7.06 3.43 -15.09
N ASP A 146 -6.55 2.42 -14.39
CA ASP A 146 -6.23 2.55 -12.97
C ASP A 146 -4.90 3.27 -12.78
N ALA A 147 -4.84 4.13 -11.76
CA ALA A 147 -3.63 4.86 -11.42
C ALA A 147 -2.45 3.94 -11.16
N VAL A 148 -2.69 2.70 -10.68
CA VAL A 148 -1.63 1.78 -10.33
C VAL A 148 -1.32 0.84 -11.49
N TYR A 149 -1.86 1.11 -12.69
CA TYR A 149 -1.58 0.28 -13.85
C TYR A 149 -0.09 0.09 -14.08
N LEU A 150 0.28 -1.17 -14.31
CA LEU A 150 1.64 -1.58 -14.54
C LEU A 150 1.62 -2.54 -15.73
N ASP A 151 2.27 -2.14 -16.82
CA ASP A 151 1.97 -2.71 -18.13
C ASP A 151 2.82 -3.95 -18.42
N SER A 152 3.48 -4.51 -17.40
CA SER A 152 4.26 -5.72 -17.56
C SER A 152 3.69 -6.84 -16.70
N GLU A 153 3.27 -7.95 -17.33
CA GLU A 153 2.75 -9.09 -16.59
C GLU A 153 3.79 -9.66 -15.62
N GLU A 154 5.05 -9.77 -16.03
CA GLU A 154 6.07 -10.36 -15.16
C GLU A 154 6.28 -9.45 -13.95
N GLU A 155 6.12 -8.13 -14.13
CA GLU A 155 6.29 -7.20 -13.02
C GLU A 155 5.07 -7.24 -12.09
N ARG A 156 3.88 -7.44 -12.67
CA ARG A 156 2.69 -7.53 -11.82
C ARG A 156 2.78 -8.78 -10.94
N GLN A 157 3.22 -9.89 -11.55
CA GLN A 157 3.48 -11.11 -10.79
C GLN A 157 4.43 -10.83 -9.62
N GLU A 158 5.57 -10.16 -9.90
CA GLU A 158 6.57 -9.90 -8.88
C GLU A 158 6.01 -9.00 -7.77
N TYR A 159 5.42 -7.87 -8.17
CA TYR A 159 5.27 -6.74 -7.27
C TYR A 159 3.89 -6.68 -6.63
N VAL A 160 2.96 -7.51 -7.14
CA VAL A 160 1.63 -7.61 -6.57
C VAL A 160 1.39 -9.03 -6.04
N LEU A 161 1.64 -10.07 -6.85
CA LEU A 161 1.18 -11.42 -6.55
C LEU A 161 2.19 -12.28 -5.78
N THR A 162 3.50 -12.01 -5.84
CA THR A 162 4.45 -12.93 -5.21
C THR A 162 4.49 -12.66 -3.70
N GLN A 163 4.40 -13.71 -2.89
CA GLN A 163 4.28 -13.55 -1.44
C GLN A 163 5.62 -13.76 -0.70
N GLN A 164 6.66 -14.24 -1.39
CA GLN A 164 7.97 -14.44 -0.79
C GLN A 164 9.00 -13.63 -1.57
N GLY A 165 9.92 -13.00 -0.84
CA GLY A 165 11.01 -12.30 -1.47
C GLY A 165 12.29 -12.34 -0.64
N PHE A 166 13.15 -11.34 -0.87
CA PHE A 166 14.43 -11.22 -0.20
C PHE A 166 14.63 -9.75 0.14
N ILE A 167 15.22 -9.53 1.30
CA ILE A 167 15.53 -8.18 1.79
C ILE A 167 17.03 -8.10 2.00
N TYR A 168 17.66 -7.06 1.42
CA TYR A 168 19.11 -6.91 1.53
C TYR A 168 19.45 -6.19 2.83
N GLN A 169 20.46 -6.74 3.53
CA GLN A 169 20.97 -6.19 4.78
C GLN A 169 22.49 -6.12 4.71
N GLY A 170 23.12 -5.81 5.87
CA GLY A 170 24.57 -5.84 6.04
C GLY A 170 25.18 -4.46 5.80
N SER A 171 26.24 -4.39 4.99
CA SER A 171 26.94 -3.14 4.71
C SER A 171 27.35 -3.10 3.23
N ALA A 172 27.76 -1.94 2.75
CA ALA A 172 28.16 -1.81 1.35
C ALA A 172 29.31 -2.78 1.03
N LYS A 173 30.23 -2.95 1.98
CA LYS A 173 31.33 -3.88 1.80
C LYS A 173 30.87 -5.33 1.91
N PHE A 174 29.96 -5.62 2.86
CA PHE A 174 29.48 -6.99 3.09
C PHE A 174 27.97 -7.08 2.89
N ILE A 175 27.49 -7.33 1.67
CA ILE A 175 26.06 -7.43 1.44
C ILE A 175 25.57 -8.80 1.90
N LYS A 176 24.41 -8.82 2.57
CA LYS A 176 23.73 -10.06 2.92
C LYS A 176 22.26 -9.90 2.57
N ASN A 177 21.52 -11.00 2.67
CA ASN A 177 20.07 -10.91 2.53
C ASN A 177 19.41 -11.93 3.46
N ILE A 178 18.14 -11.70 3.75
CA ILE A 178 17.30 -12.70 4.40
C ILE A 178 16.11 -12.96 3.48
N PRO A 179 15.58 -14.20 3.45
CA PRO A 179 14.25 -14.41 2.89
C PRO A 179 13.17 -13.75 3.75
N TRP A 180 12.06 -13.36 3.13
CA TRP A 180 10.95 -12.77 3.84
C TRP A 180 9.62 -13.20 3.22
N ASN A 181 8.75 -13.70 4.09
CA ASN A 181 7.38 -14.07 3.76
C ASN A 181 6.46 -12.85 3.90
N PHE A 182 6.18 -12.16 2.78
CA PHE A 182 5.23 -11.04 2.81
C PHE A 182 3.83 -11.53 3.17
N GLY A 183 3.43 -12.67 2.59
CA GLY A 183 2.26 -13.41 3.05
C GLY A 183 0.94 -12.67 2.87
N GLN A 184 0.86 -11.83 1.82
CA GLN A 184 -0.19 -10.82 1.71
C GLN A 184 -1.55 -11.50 1.49
N PHE A 185 -1.54 -12.74 0.94
CA PHE A 185 -2.78 -13.44 0.67
C PHE A 185 -3.05 -14.54 1.69
N GLU A 186 -2.36 -14.55 2.83
CA GLU A 186 -2.68 -15.52 3.88
C GLU A 186 -3.98 -15.10 4.55
N ASP A 187 -4.66 -16.11 5.14
CA ASP A 187 -5.97 -15.92 5.75
C ASP A 187 -5.95 -14.77 6.75
N GLY A 188 -6.93 -13.86 6.61
CA GLY A 188 -7.15 -12.79 7.56
C GLY A 188 -6.31 -11.52 7.35
N ILE A 189 -5.33 -11.56 6.45
N ILE A 189 -5.33 -11.56 6.45
CA ILE A 189 -4.38 -10.46 6.36
CA ILE A 189 -4.39 -10.45 6.38
C ILE A 189 -5.07 -9.23 5.75
C ILE A 189 -5.09 -9.23 5.76
N LEU A 190 -5.82 -9.42 4.65
CA LEU A 190 -6.59 -8.33 4.04
C LEU A 190 -7.51 -7.63 5.04
N ASP A 191 -8.25 -8.42 5.82
CA ASP A 191 -9.09 -7.90 6.89
C ASP A 191 -8.27 -6.99 7.81
N ILE A 192 -7.04 -7.39 8.14
CA ILE A 192 -6.19 -6.59 9.01
C ILE A 192 -5.75 -5.29 8.33
N CYS A 193 -5.45 -5.36 7.03
CA CYS A 193 -5.11 -4.16 6.26
C CYS A 193 -6.24 -3.14 6.30
N LEU A 194 -7.49 -3.59 6.20
CA LEU A 194 -8.63 -2.68 6.27
C LEU A 194 -8.78 -2.11 7.69
N ILE A 195 -8.47 -2.91 8.72
CA ILE A 195 -8.49 -2.43 10.09
C ILE A 195 -7.47 -1.30 10.22
N LEU A 196 -6.30 -1.51 9.66
CA LEU A 196 -5.24 -0.52 9.72
C LEU A 196 -5.69 0.82 9.11
N LEU A 197 -6.32 0.79 7.94
CA LEU A 197 -6.89 2.00 7.34
C LEU A 197 -7.99 2.59 8.23
N ASP A 198 -8.84 1.74 8.80
CA ASP A 198 -10.01 2.18 9.55
C ASP A 198 -9.63 2.71 10.94
N VAL A 199 -8.39 2.55 11.42
CA VAL A 199 -7.98 3.15 12.69
C VAL A 199 -6.95 4.25 12.50
N ASN A 200 -6.72 4.70 11.25
CA ASN A 200 -5.75 5.75 10.99
C ASN A 200 -6.37 7.08 11.46
N PRO A 201 -5.52 8.04 11.89
CA PRO A 201 -6.00 9.30 12.48
C PRO A 201 -6.92 10.12 11.58
N LYS A 202 -6.72 10.02 10.26
CA LYS A 202 -7.57 10.73 9.33
C LYS A 202 -8.98 10.12 9.33
N PHE A 203 -9.09 8.79 9.53
CA PHE A 203 -10.39 8.15 9.62
C PHE A 203 -11.11 8.57 10.90
N LEU A 204 -10.37 8.57 12.00
CA LEU A 204 -10.92 8.84 13.32
C LEU A 204 -11.45 10.25 13.33
N LYS A 205 -10.81 11.14 12.56
CA LYS A 205 -11.16 12.55 12.55
C LYS A 205 -12.33 12.80 11.61
N ASN A 206 -12.31 12.22 10.39
CA ASN A 206 -13.37 12.40 9.40
C ASN A 206 -13.47 11.17 8.51
N ALA A 207 -14.24 10.20 8.98
CA ALA A 207 -14.31 8.88 8.38
C ALA A 207 -14.75 8.96 6.92
N GLY A 208 -15.76 9.79 6.66
CA GLY A 208 -16.36 9.91 5.34
C GLY A 208 -15.36 10.40 4.30
N ARG A 209 -14.57 11.43 4.66
CA ARG A 209 -13.52 11.94 3.79
C ARG A 209 -12.42 10.90 3.59
N ASP A 210 -11.98 10.24 4.68
CA ASP A 210 -10.89 9.29 4.58
C ASP A 210 -11.29 8.20 3.58
N CYS A 211 -12.53 7.68 3.70
CA CYS A 211 -13.02 6.61 2.85
C CYS A 211 -13.04 7.05 1.38
N SER A 212 -13.41 8.31 1.10
CA SER A 212 -13.42 8.86 -0.25
C SER A 212 -12.01 8.92 -0.85
N ARG A 213 -11.06 9.39 -0.02
CA ARG A 213 -9.67 9.62 -0.41
C ARG A 213 -8.93 8.32 -0.70
N ARG A 214 -9.49 7.17 -0.27
CA ARG A 214 -8.94 5.86 -0.56
C ARG A 214 -9.11 5.45 -2.03
N SER A 215 -9.71 6.30 -2.87
CA SER A 215 -9.58 6.18 -4.31
C SER A 215 -8.14 6.39 -4.78
N SER A 216 -7.30 7.09 -4.00
CA SER A 216 -5.96 7.49 -4.43
C SER A 216 -4.89 6.56 -3.85
N PRO A 217 -3.97 5.99 -4.65
CA PRO A 217 -2.84 5.23 -4.12
C PRO A 217 -1.82 6.11 -3.42
N VAL A 218 -1.84 7.42 -3.75
CA VAL A 218 -0.96 8.36 -3.10
C VAL A 218 -1.39 8.49 -1.63
N TYR A 219 -2.66 8.77 -1.43
CA TYR A 219 -3.20 8.92 -0.09
C TYR A 219 -3.02 7.61 0.69
N VAL A 220 -3.29 6.46 0.04
CA VAL A 220 -3.24 5.20 0.78
C VAL A 220 -1.78 4.94 1.18
N GLY A 221 -0.87 5.20 0.24
CA GLY A 221 0.55 4.99 0.45
C GLY A 221 1.05 5.81 1.64
N ARG A 222 0.62 7.08 1.70
CA ARG A 222 1.04 7.98 2.76
C ARG A 222 0.47 7.48 4.09
N VAL A 223 -0.80 7.06 4.08
CA VAL A 223 -1.43 6.55 5.28
C VAL A 223 -0.64 5.37 5.82
N VAL A 224 -0.28 4.42 4.94
CA VAL A 224 0.43 3.21 5.34
C VAL A 224 1.82 3.55 5.88
N SER A 225 2.52 4.54 5.29
CA SER A 225 3.84 4.90 5.78
C SER A 225 3.76 5.34 7.24
N GLY A 226 2.65 5.97 7.64
CA GLY A 226 2.47 6.41 9.02
C GLY A 226 1.99 5.28 9.94
N MET A 227 1.11 4.39 9.43
CA MET A 227 0.43 3.44 10.28
C MET A 227 1.29 2.22 10.58
N VAL A 228 2.37 2.00 9.80
CA VAL A 228 3.21 0.84 10.03
C VAL A 228 4.08 1.01 11.28
N ASN A 229 4.35 2.25 11.69
CA ASN A 229 5.03 2.54 12.94
C ASN A 229 3.99 2.98 13.96
N CYS A 230 4.24 2.70 15.24
CA CYS A 230 3.25 2.93 16.29
C CYS A 230 3.30 4.38 16.74
N ASN A 231 4.32 5.12 16.26
CA ASN A 231 4.52 6.48 16.71
C ASN A 231 3.29 7.31 16.31
N ASP A 232 2.77 8.07 17.27
CA ASP A 232 1.78 9.11 17.04
C ASP A 232 0.36 8.59 16.86
N ASP A 233 0.17 7.27 16.76
CA ASP A 233 -1.11 6.71 16.34
C ASP A 233 -1.27 5.29 16.89
N GLN A 234 -2.15 4.49 16.25
CA GLN A 234 -2.42 3.12 16.67
C GLN A 234 -1.69 2.13 15.77
N GLY A 235 -0.51 2.53 15.26
CA GLY A 235 0.21 1.80 14.25
C GLY A 235 0.93 0.53 14.75
N VAL A 236 1.59 -0.15 13.81
CA VAL A 236 1.85 -1.56 14.02
C VAL A 236 3.07 -1.79 14.93
N LEU A 237 4.24 -1.23 14.58
CA LEU A 237 5.51 -1.70 15.13
C LEU A 237 6.15 -0.64 16.01
N LEU A 238 6.75 -1.08 17.12
CA LEU A 238 7.65 -0.23 17.90
C LEU A 238 9.10 -0.53 17.54
N GLY A 239 9.85 0.48 17.13
CA GLY A 239 11.25 0.29 16.80
C GLY A 239 12.13 0.24 18.06
N ARG A 240 13.21 -0.53 18.01
CA ARG A 240 14.20 -0.50 19.08
C ARG A 240 15.56 -0.90 18.52
N TRP A 241 16.61 -0.23 18.98
CA TRP A 241 17.91 -0.31 18.33
C TRP A 241 19.08 -0.58 19.28
N ASP A 242 18.81 -0.87 20.56
CA ASP A 242 19.83 -0.93 21.60
C ASP A 242 20.19 -2.38 21.98
N ASN A 243 19.71 -3.37 21.23
CA ASN A 243 20.09 -4.76 21.40
C ASN A 243 19.49 -5.39 22.67
N ASN A 244 18.50 -4.73 23.31
CA ASN A 244 17.79 -5.29 24.46
C ASN A 244 16.32 -5.57 24.10
N TYR A 245 16.01 -6.81 23.65
CA TYR A 245 14.69 -7.14 23.13
C TYR A 245 13.98 -8.19 24.00
N GLY A 246 14.43 -8.35 25.26
CA GLY A 246 13.99 -9.43 26.15
C GLY A 246 12.49 -9.46 26.42
N ASP A 247 11.85 -8.29 26.46
CA ASP A 247 10.42 -8.16 26.72
C ASP A 247 9.57 -8.19 25.45
N GLY A 248 10.17 -8.60 24.32
CA GLY A 248 9.46 -8.67 23.05
C GLY A 248 10.12 -9.69 22.15
N VAL A 249 10.00 -9.47 20.85
CA VAL A 249 10.65 -10.25 19.83
C VAL A 249 11.80 -9.43 19.23
N SER A 250 12.97 -10.05 19.10
CA SER A 250 14.09 -9.37 18.49
C SER A 250 13.73 -9.04 17.06
N PRO A 251 14.07 -7.82 16.56
CA PRO A 251 13.86 -7.52 15.14
C PRO A 251 14.39 -8.58 14.18
N MET A 252 15.52 -9.21 14.54
CA MET A 252 16.16 -10.23 13.70
C MET A 252 15.44 -11.59 13.76
N SER A 253 14.48 -11.81 14.67
CA SER A 253 13.79 -13.10 14.76
C SER A 253 12.71 -13.25 13.69
N TRP A 254 12.12 -12.14 13.22
CA TRP A 254 10.99 -12.23 12.30
C TRP A 254 11.44 -12.79 10.96
N ILE A 255 10.58 -13.60 10.33
CA ILE A 255 10.89 -14.16 9.03
C ILE A 255 9.81 -13.76 8.02
N GLY A 256 8.82 -12.97 8.45
CA GLY A 256 7.72 -12.58 7.59
C GLY A 256 6.83 -11.58 8.32
N SER A 257 5.85 -11.02 7.59
CA SER A 257 4.99 -9.95 8.10
C SER A 257 3.78 -10.50 8.86
N VAL A 258 3.37 -11.74 8.57
CA VAL A 258 2.07 -12.20 9.04
C VAL A 258 2.01 -12.31 10.57
N ASP A 259 3.11 -12.77 11.19
CA ASP A 259 3.11 -12.92 12.64
C ASP A 259 2.95 -11.56 13.28
N ILE A 260 3.57 -10.54 12.68
CA ILE A 260 3.49 -9.19 13.20
C ILE A 260 2.06 -8.65 13.11
N LEU A 261 1.45 -8.75 11.93
CA LEU A 261 0.13 -8.15 11.76
C LEU A 261 -0.92 -8.88 12.60
N ARG A 262 -0.80 -10.20 12.74
CA ARG A 262 -1.71 -10.98 13.57
C ARG A 262 -1.54 -10.54 15.03
N ARG A 263 -0.29 -10.39 15.49
CA ARG A 263 -0.04 -9.97 16.86
C ARG A 263 -0.69 -8.62 17.14
N TRP A 264 -0.55 -7.69 16.19
CA TRP A 264 -1.13 -6.36 16.34
C TRP A 264 -2.64 -6.46 16.50
N LYS A 265 -3.29 -7.23 15.61
CA LYS A 265 -4.74 -7.34 15.63
C LYS A 265 -5.19 -8.00 16.93
N ASN A 266 -4.53 -9.11 17.26
CA ASN A 266 -4.98 -9.99 18.32
C ASN A 266 -4.95 -9.25 19.64
N HIS A 267 -4.06 -8.26 19.80
CA HIS A 267 -4.01 -7.53 21.07
C HIS A 267 -4.69 -6.18 20.98
N GLY A 268 -5.63 -6.01 20.05
CA GLY A 268 -6.45 -4.82 20.02
C GLY A 268 -5.71 -3.60 19.46
N CYS A 269 -4.92 -3.81 18.40
CA CYS A 269 -4.16 -2.76 17.73
C CYS A 269 -3.10 -2.16 18.65
N GLN A 270 -2.48 -3.01 19.45
CA GLN A 270 -1.37 -2.66 20.31
C GLN A 270 -0.03 -2.87 19.58
N ARG A 271 0.91 -1.96 19.84
CA ARG A 271 2.21 -1.96 19.18
C ARG A 271 2.92 -3.29 19.43
N VAL A 272 3.56 -3.79 18.37
CA VAL A 272 4.33 -5.01 18.38
C VAL A 272 5.81 -4.71 18.61
N LYS A 273 6.37 -5.38 19.61
CA LYS A 273 7.78 -5.23 19.92
C LYS A 273 8.54 -6.44 19.36
N TYR A 274 9.58 -6.21 18.55
CA TYR A 274 10.10 -4.92 18.11
C TYR A 274 10.47 -4.99 16.64
N GLY A 275 10.62 -3.81 16.02
CA GLY A 275 11.09 -3.74 14.64
C GLY A 275 12.34 -2.87 14.49
N GLN A 276 12.95 -2.98 13.31
CA GLN A 276 13.87 -1.98 12.76
C GLN A 276 13.52 -1.81 11.27
N CYS A 277 14.23 -0.91 10.58
CA CYS A 277 13.93 -0.53 9.21
C CYS A 277 13.36 -1.67 8.35
N TRP A 278 14.07 -2.80 8.20
CA TRP A 278 13.66 -3.77 7.20
C TRP A 278 12.32 -4.41 7.58
N VAL A 279 12.01 -4.42 8.90
CA VAL A 279 10.78 -4.96 9.46
C VAL A 279 9.63 -4.04 9.09
N PHE A 280 9.82 -2.73 9.32
CA PHE A 280 8.82 -1.73 8.94
C PHE A 280 8.56 -1.77 7.43
N ALA A 281 9.63 -1.75 6.65
CA ALA A 281 9.52 -1.79 5.19
C ALA A 281 8.79 -3.05 4.70
N ALA A 282 9.14 -4.21 5.25
CA ALA A 282 8.51 -5.46 4.86
C ALA A 282 7.01 -5.50 5.17
N VAL A 283 6.61 -5.02 6.36
CA VAL A 283 5.20 -5.00 6.72
C VAL A 283 4.43 -4.04 5.81
N ALA A 284 5.04 -2.88 5.46
CA ALA A 284 4.44 -1.94 4.53
C ALA A 284 4.27 -2.60 3.15
N CYS A 285 5.27 -3.40 2.76
CA CYS A 285 5.19 -4.08 1.48
C CYS A 285 4.03 -5.06 1.46
N THR A 286 3.84 -5.80 2.56
CA THR A 286 2.74 -6.74 2.71
C THR A 286 1.42 -5.97 2.56
N VAL A 287 1.26 -4.87 3.31
CA VAL A 287 -0.02 -4.18 3.28
C VAL A 287 -0.33 -3.64 1.88
N LEU A 288 0.67 -3.05 1.23
CA LEU A 288 0.47 -2.39 -0.07
C LEU A 288 0.24 -3.43 -1.18
N ARG A 289 1.05 -4.49 -1.24
CA ARG A 289 0.79 -5.55 -2.19
C ARG A 289 -0.60 -6.13 -1.95
N CYS A 290 -1.03 -6.26 -0.68
CA CYS A 290 -2.33 -6.83 -0.35
C CYS A 290 -3.46 -6.01 -0.97
N LEU A 291 -3.37 -4.67 -0.80
CA LEU A 291 -4.37 -3.74 -1.32
C LEU A 291 -4.29 -3.61 -2.84
N GLY A 292 -3.20 -4.10 -3.44
CA GLY A 292 -3.07 -4.23 -4.89
C GLY A 292 -2.16 -3.17 -5.53
N ILE A 293 -1.44 -2.38 -4.71
CA ILE A 293 -0.46 -1.40 -5.20
C ILE A 293 0.87 -2.10 -5.42
N PRO A 294 1.40 -2.18 -6.66
CA PRO A 294 2.69 -2.85 -6.87
C PRO A 294 3.78 -2.19 -6.03
N THR A 295 4.49 -2.99 -5.23
CA THR A 295 5.41 -2.49 -4.20
C THR A 295 6.64 -3.39 -4.11
N ARG A 296 7.81 -2.79 -3.82
CA ARG A 296 9.02 -3.57 -3.60
C ARG A 296 9.83 -2.95 -2.46
N VAL A 297 10.58 -3.80 -1.75
CA VAL A 297 11.42 -3.38 -0.63
C VAL A 297 12.81 -3.05 -1.19
N VAL A 298 13.34 -1.87 -0.84
CA VAL A 298 14.64 -1.43 -1.32
C VAL A 298 15.58 -1.22 -0.13
N THR A 299 16.86 -1.55 -0.34
CA THR A 299 17.89 -1.33 0.67
C THR A 299 18.90 -0.30 0.16
N ASN A 300 19.23 0.69 1.00
CA ASN A 300 20.26 1.68 0.71
C ASN A 300 21.44 1.48 1.66
N TYR A 301 22.68 1.36 1.14
CA TYR A 301 23.83 1.26 2.03
C TYR A 301 24.46 2.64 2.28
N ASN A 302 25.05 2.80 3.46
CA ASN A 302 25.54 4.09 3.93
C ASN A 302 24.42 5.11 3.81
N SER A 303 23.35 4.89 4.60
CA SER A 303 22.11 5.62 4.45
C SER A 303 22.15 6.77 5.46
N ALA A 304 22.05 8.01 4.99
CA ALA A 304 22.30 9.15 5.87
C ALA A 304 21.00 9.59 6.52
N HIS A 305 21.09 10.15 7.75
CA HIS A 305 19.95 10.77 8.40
C HIS A 305 20.25 12.26 8.62
N ASP A 306 19.73 13.09 7.72
CA ASP A 306 19.93 14.54 7.78
C ASP A 306 18.91 15.11 8.78
N GLN A 307 19.40 15.76 9.84
CA GLN A 307 18.51 16.24 10.90
C GLN A 307 18.14 17.72 10.76
N ASN A 308 18.81 18.48 9.89
CA ASN A 308 18.55 19.91 9.76
C ASN A 308 18.37 20.33 8.29
N SER A 309 17.97 19.38 7.45
CA SER A 309 17.50 19.64 6.09
C SER A 309 18.50 20.42 5.23
N ASN A 310 19.80 20.27 5.48
CA ASN A 310 20.79 21.06 4.74
C ASN A 310 21.57 20.19 3.75
N LEU A 311 21.16 18.92 3.61
CA LEU A 311 21.66 18.00 2.60
C LEU A 311 23.12 17.66 2.85
N LEU A 312 23.62 17.96 4.06
CA LEU A 312 24.96 17.59 4.49
C LEU A 312 24.84 16.72 5.73
N ILE A 313 25.73 15.72 5.82
CA ILE A 313 25.87 14.93 7.04
C ILE A 313 27.14 15.40 7.75
N GLU A 314 26.94 16.06 8.90
CA GLU A 314 27.98 16.75 9.64
C GLU A 314 28.42 15.97 10.88
N TYR A 315 29.74 15.71 10.95
CA TYR A 315 30.40 15.07 12.05
C TYR A 315 31.27 16.11 12.76
N PHE A 316 31.27 16.11 14.08
CA PHE A 316 32.17 16.95 14.85
C PHE A 316 33.25 16.07 15.46
N ARG A 317 34.51 16.40 15.17
CA ARG A 317 35.66 15.61 15.60
C ARG A 317 36.68 16.45 16.36
N ASN A 318 37.39 15.78 17.27
CA ASN A 318 38.50 16.34 18.03
C ASN A 318 39.71 16.62 17.15
N GLU A 319 40.68 17.31 17.74
CA GLU A 319 42.05 17.26 17.28
C GLU A 319 42.55 15.81 17.46
N SER A 328 26.60 15.46 16.11
CA SER A 328 26.90 14.73 14.85
C SER A 328 25.67 13.97 14.35
N GLU A 329 25.43 14.06 13.04
CA GLU A 329 24.44 13.23 12.38
C GLU A 329 25.02 11.87 12.09
N MET A 330 24.14 10.92 11.75
CA MET A 330 24.46 9.52 11.63
C MET A 330 24.34 9.05 10.18
N ILE A 331 25.19 8.07 9.84
CA ILE A 331 25.04 7.26 8.65
C ILE A 331 24.88 5.81 9.08
N TRP A 332 23.99 5.08 8.41
CA TRP A 332 23.60 3.73 8.80
C TRP A 332 24.23 2.70 7.86
N ASN A 333 24.64 1.56 8.39
CA ASN A 333 25.17 0.50 7.55
C ASN A 333 24.22 0.27 6.37
N PHE A 334 22.93 0.23 6.69
CA PHE A 334 21.90 0.14 5.66
C PHE A 334 20.61 0.68 6.24
N HIS A 335 19.72 1.01 5.31
CA HIS A 335 18.36 1.40 5.59
C HIS A 335 17.49 0.77 4.51
N CYS A 336 16.24 0.47 4.87
CA CYS A 336 15.26 -0.11 3.95
C CYS A 336 14.01 0.75 3.94
N TRP A 337 13.42 0.89 2.75
CA TRP A 337 12.09 1.44 2.60
C TRP A 337 11.42 0.74 1.44
N VAL A 338 10.27 1.28 1.00
CA VAL A 338 9.54 0.65 -0.08
C VAL A 338 9.37 1.65 -1.21
N GLU A 339 9.20 1.10 -2.41
CA GLU A 339 8.70 1.84 -3.56
C GLU A 339 7.37 1.24 -4.02
N SER A 340 6.45 2.11 -4.41
CA SER A 340 5.14 1.74 -4.90
C SER A 340 4.89 2.43 -6.25
N TRP A 341 4.22 1.69 -7.15
CA TRP A 341 4.02 2.09 -8.54
C TRP A 341 2.66 2.76 -8.72
N MET A 342 2.66 4.00 -9.22
CA MET A 342 1.42 4.72 -9.47
C MET A 342 1.69 6.00 -10.28
N THR A 343 0.62 6.56 -10.86
CA THR A 343 0.66 7.88 -11.45
C THR A 343 0.59 8.89 -10.32
N ARG A 344 0.95 10.13 -10.65
CA ARG A 344 0.93 11.22 -9.70
C ARG A 344 0.19 12.41 -10.32
N PRO A 345 -1.14 12.35 -10.34
CA PRO A 345 -1.94 13.44 -10.92
C PRO A 345 -1.94 14.66 -10.01
N ASP A 346 -1.44 14.52 -8.78
CA ASP A 346 -1.26 15.63 -7.85
C ASP A 346 0.03 16.44 -8.11
N LEU A 347 0.82 16.05 -9.12
CA LEU A 347 2.09 16.70 -9.42
C LEU A 347 2.06 17.14 -10.87
N GLN A 348 3.08 17.88 -11.31
CA GLN A 348 3.21 18.20 -12.72
C GLN A 348 3.39 16.89 -13.48
N PRO A 349 2.95 16.80 -14.75
CA PRO A 349 3.15 15.60 -15.56
C PRO A 349 4.59 15.12 -15.51
N GLY A 350 4.78 13.81 -15.71
CA GLY A 350 6.08 13.18 -15.81
C GLY A 350 6.54 12.40 -14.57
N TYR A 351 5.86 12.46 -13.41
CA TYR A 351 6.43 11.86 -12.20
C TYR A 351 5.81 10.51 -11.85
N GLU A 352 5.05 9.93 -12.78
CA GLU A 352 4.49 8.60 -12.61
C GLU A 352 5.60 7.56 -12.56
N GLY A 353 5.29 6.44 -11.90
CA GLY A 353 6.19 5.31 -11.73
C GLY A 353 6.42 5.00 -10.25
N TRP A 354 7.67 4.70 -9.91
CA TRP A 354 8.03 4.31 -8.57
C TRP A 354 8.04 5.52 -7.65
N GLN A 355 7.38 5.36 -6.51
CA GLN A 355 7.33 6.37 -5.47
C GLN A 355 7.94 5.81 -4.18
N ALA A 356 8.89 6.53 -3.58
CA ALA A 356 9.51 6.07 -2.35
C ALA A 356 8.60 6.40 -1.16
N LEU A 357 8.30 5.38 -0.35
CA LEU A 357 7.54 5.51 0.89
C LEU A 357 8.38 4.92 2.03
N ASP A 358 8.40 5.59 3.18
CA ASP A 358 9.31 5.19 4.27
C ASP A 358 8.58 5.11 5.62
N PRO A 359 8.18 3.89 6.06
CA PRO A 359 7.53 3.76 7.36
C PRO A 359 8.44 3.72 8.59
N THR A 360 9.76 3.86 8.42
CA THR A 360 10.63 3.86 9.58
C THR A 360 10.69 5.28 10.16
N PRO A 361 10.41 5.47 11.47
CA PRO A 361 10.49 6.82 12.06
C PRO A 361 11.90 7.36 12.05
N GLN A 362 12.10 8.49 11.37
CA GLN A 362 13.39 9.18 11.42
C GLN A 362 13.16 10.67 11.62
N GLU A 363 12.59 11.32 10.59
CA GLU A 363 12.22 12.73 10.70
C GLU A 363 10.69 12.85 10.61
N LYS A 364 10.14 13.81 11.36
CA LYS A 364 8.74 14.21 11.20
C LYS A 364 8.52 14.88 9.85
N SER A 365 7.35 14.56 9.28
CA SER A 365 6.76 15.19 8.12
C SER A 365 5.43 15.82 8.55
N GLU A 366 5.38 17.15 8.60
CA GLU A 366 4.18 17.84 9.05
C GLU A 366 3.72 17.31 10.40
N GLY A 367 4.65 17.04 11.32
CA GLY A 367 4.29 16.72 12.69
C GLY A 367 4.10 15.23 12.98
N THR A 368 4.14 14.35 11.96
CA THR A 368 4.01 12.93 12.24
C THR A 368 5.11 12.13 11.53
N TYR A 369 5.27 10.88 11.99
CA TYR A 369 6.33 10.01 11.51
C TYR A 369 5.80 9.22 10.33
N CYS A 370 5.74 9.93 9.21
CA CYS A 370 5.44 9.36 7.93
C CYS A 370 6.42 10.00 6.95
N CYS A 371 6.42 9.51 5.71
CA CYS A 371 7.44 9.91 4.76
C CYS A 371 7.04 9.38 3.39
N GLY A 372 6.90 10.31 2.45
CA GLY A 372 6.53 9.97 1.08
C GLY A 372 5.01 9.94 0.90
N PRO A 373 4.50 9.58 -0.31
CA PRO A 373 5.35 9.10 -1.41
C PRO A 373 6.05 10.23 -2.16
N VAL A 374 7.27 9.96 -2.60
CA VAL A 374 8.06 10.90 -3.38
C VAL A 374 8.51 10.20 -4.63
N PRO A 375 8.33 10.79 -5.85
CA PRO A 375 8.76 10.15 -7.09
C PRO A 375 10.26 9.98 -7.01
N VAL A 376 10.72 8.76 -7.29
CA VAL A 376 12.14 8.47 -7.28
C VAL A 376 12.83 9.36 -8.32
N ARG A 377 12.13 9.58 -9.45
CA ARG A 377 12.58 10.49 -10.50
C ARG A 377 12.87 11.90 -9.98
N ALA A 378 12.02 12.43 -9.09
CA ALA A 378 12.27 13.72 -8.47
C ALA A 378 13.58 13.71 -7.67
N ILE A 379 13.89 12.57 -7.04
CA ILE A 379 15.12 12.47 -6.25
C ILE A 379 16.32 12.55 -7.18
N LYS A 380 16.27 11.81 -8.30
CA LYS A 380 17.36 11.73 -9.24
C LYS A 380 17.62 13.10 -9.88
N GLU A 381 16.55 13.84 -10.18
CA GLU A 381 16.66 15.09 -10.92
C GLU A 381 16.83 16.27 -9.97
N GLY A 382 16.78 16.00 -8.66
CA GLY A 382 16.95 17.05 -7.68
C GLY A 382 15.79 18.07 -7.67
N ASP A 383 14.58 17.60 -7.94
CA ASP A 383 13.39 18.44 -7.88
C ASP A 383 12.82 18.40 -6.46
N LEU A 384 13.50 19.04 -5.51
CA LEU A 384 13.26 18.77 -4.10
C LEU A 384 12.07 19.53 -3.52
N SER A 385 11.33 20.31 -4.34
N SER A 385 11.31 20.28 -4.35
CA SER A 385 10.07 20.86 -3.90
CA SER A 385 10.05 20.83 -3.89
C SER A 385 8.92 19.86 -4.11
C SER A 385 8.87 19.93 -4.23
N THR A 386 9.16 18.78 -4.86
CA THR A 386 8.14 17.78 -5.17
C THR A 386 7.67 17.05 -3.92
N LYS A 387 6.37 17.08 -3.64
CA LYS A 387 5.85 16.40 -2.45
C LYS A 387 5.84 14.88 -2.69
N TYR A 388 6.06 14.04 -1.65
CA TYR A 388 6.27 14.42 -0.25
C TYR A 388 7.66 14.00 0.21
N ASP A 389 8.34 14.92 0.92
CA ASP A 389 9.50 14.67 1.75
C ASP A 389 10.74 14.43 0.90
N ALA A 390 10.86 15.18 -0.21
CA ALA A 390 11.95 14.94 -1.16
C ALA A 390 13.31 15.28 -0.57
N PRO A 391 13.47 16.36 0.22
CA PRO A 391 14.80 16.69 0.75
C PRO A 391 15.39 15.61 1.64
N PHE A 392 14.53 15.03 2.50
CA PHE A 392 14.93 13.98 3.41
C PHE A 392 15.43 12.78 2.61
N VAL A 393 14.65 12.35 1.61
CA VAL A 393 15.02 11.16 0.86
C VAL A 393 16.25 11.42 -0.02
N PHE A 394 16.33 12.60 -0.65
CA PHE A 394 17.53 13.01 -1.37
C PHE A 394 18.79 12.91 -0.50
N ALA A 395 18.72 13.40 0.74
CA ALA A 395 19.88 13.36 1.61
C ALA A 395 20.27 11.93 1.99
N GLU A 396 19.30 11.00 2.01
CA GLU A 396 19.56 9.62 2.41
C GLU A 396 20.47 8.95 1.38
N VAL A 397 20.34 9.37 0.12
CA VAL A 397 21.04 8.71 -0.99
C VAL A 397 22.13 9.59 -1.62
N ASN A 398 22.20 10.87 -1.28
CA ASN A 398 23.08 11.73 -2.06
C ASN A 398 23.66 12.90 -1.26
N ALA A 399 23.73 12.80 0.07
CA ALA A 399 24.30 13.84 0.91
C ALA A 399 25.84 13.80 0.85
N ASP A 400 26.46 14.98 0.95
CA ASP A 400 27.89 15.05 1.22
C ASP A 400 28.15 14.87 2.72
N VAL A 401 29.26 14.19 3.04
CA VAL A 401 29.72 14.05 4.42
C VAL A 401 30.77 15.11 4.72
N VAL A 402 30.52 15.93 5.76
CA VAL A 402 31.45 16.99 6.16
C VAL A 402 31.94 16.76 7.60
N ASP A 403 33.27 16.78 7.76
CA ASP A 403 33.90 16.76 9.07
C ASP A 403 34.26 18.18 9.49
N TRP A 404 33.79 18.57 10.68
CA TRP A 404 34.24 19.74 11.40
C TRP A 404 35.31 19.30 12.39
N ILE A 405 36.58 19.55 12.03
CA ILE A 405 37.69 19.03 12.79
C ILE A 405 38.33 20.20 13.55
N GLN A 406 38.40 20.09 14.87
CA GLN A 406 38.95 21.14 15.68
C GLN A 406 40.48 21.07 15.59
N GLN A 407 41.12 22.21 15.35
CA GLN A 407 42.57 22.27 15.19
C GLN A 407 43.18 22.64 16.55
N ASP A 408 44.46 22.31 16.76
CA ASP A 408 45.11 22.59 18.03
C ASP A 408 45.05 24.09 18.31
N ASP A 409 45.03 24.90 17.25
CA ASP A 409 45.03 26.35 17.38
C ASP A 409 43.62 26.88 17.69
N GLY A 410 42.65 25.98 17.81
CA GLY A 410 41.31 26.34 18.26
C GLY A 410 40.34 26.54 17.09
N SER A 411 40.86 26.70 15.86
CA SER A 411 39.98 26.81 14.70
C SER A 411 39.38 25.45 14.36
N VAL A 412 38.27 25.49 13.61
CA VAL A 412 37.61 24.28 13.12
C VAL A 412 37.73 24.27 11.60
N HIS A 413 38.38 23.23 11.06
CA HIS A 413 38.50 23.05 9.62
C HIS A 413 37.37 22.14 9.11
N LYS A 414 36.55 22.70 8.20
CA LYS A 414 35.51 21.95 7.52
C LYS A 414 36.12 21.18 6.34
N SER A 415 36.02 19.86 6.34
CA SER A 415 36.48 19.09 5.19
C SER A 415 35.49 18.01 4.77
N ILE A 416 35.40 17.83 3.44
CA ILE A 416 34.61 16.76 2.86
C ILE A 416 35.33 15.46 3.16
N ASN A 417 34.58 14.51 3.72
CA ASN A 417 35.09 13.17 3.94
C ASN A 417 34.66 12.26 2.79
N ARG A 418 35.63 11.76 2.00
CA ARG A 418 35.31 10.95 0.84
C ARG A 418 35.63 9.47 1.08
N SER A 419 35.87 9.10 2.35
CA SER A 419 36.15 7.72 2.68
C SER A 419 34.84 6.94 2.80
N LEU A 420 33.80 7.63 3.30
CA LEU A 420 32.48 7.05 3.42
C LEU A 420 31.52 7.80 2.49
N ILE A 421 31.12 7.16 1.38
CA ILE A 421 30.21 7.77 0.42
C ILE A 421 28.76 7.38 0.78
N VAL A 422 27.87 8.37 0.91
CA VAL A 422 26.47 8.09 1.16
C VAL A 422 25.79 7.51 -0.09
N GLY A 423 24.96 6.49 0.13
CA GLY A 423 24.04 6.01 -0.88
C GLY A 423 24.75 5.09 -1.88
N LEU A 424 25.01 3.84 -1.45
CA LEU A 424 25.72 2.87 -2.26
C LEU A 424 24.84 1.64 -2.50
N LYS A 425 25.02 1.02 -3.69
CA LYS A 425 24.52 -0.31 -3.98
C LYS A 425 23.05 -0.46 -3.58
N ILE A 426 22.23 0.47 -4.06
CA ILE A 426 20.81 0.44 -3.72
C ILE A 426 20.21 -0.78 -4.41
N SER A 427 19.47 -1.60 -3.64
CA SER A 427 19.18 -2.97 -4.04
C SER A 427 17.72 -3.36 -3.76
N THR A 428 17.18 -4.19 -4.66
CA THR A 428 15.89 -4.82 -4.50
C THR A 428 15.96 -6.16 -5.23
N LYS A 429 15.11 -7.11 -4.83
CA LYS A 429 15.10 -8.42 -5.47
C LYS A 429 14.71 -8.30 -6.95
N SER A 430 15.38 -9.09 -7.81
CA SER A 430 15.14 -9.16 -9.23
C SER A 430 13.74 -9.73 -9.52
N VAL A 431 13.15 -9.24 -10.60
CA VAL A 431 11.88 -9.75 -11.08
C VAL A 431 11.99 -11.22 -11.48
N GLY A 432 11.23 -12.06 -10.77
CA GLY A 432 11.05 -13.45 -11.16
C GLY A 432 12.27 -14.34 -10.90
N ARG A 433 13.28 -13.86 -10.15
CA ARG A 433 14.46 -14.65 -9.88
C ARG A 433 14.99 -14.31 -8.49
N ASP A 434 15.71 -15.27 -7.90
CA ASP A 434 16.37 -15.10 -6.63
C ASP A 434 17.76 -14.49 -6.81
N GLU A 435 17.81 -13.22 -7.20
CA GLU A 435 19.04 -12.46 -7.42
C GLU A 435 18.78 -11.00 -7.03
N ARG A 436 19.85 -10.24 -6.85
CA ARG A 436 19.76 -8.84 -6.46
C ARG A 436 19.87 -7.94 -7.69
N GLU A 437 18.97 -6.95 -7.78
CA GLU A 437 19.04 -5.94 -8.83
C GLU A 437 19.60 -4.67 -8.20
N ASP A 438 20.66 -4.08 -8.82
CA ASP A 438 21.17 -2.79 -8.36
C ASP A 438 20.36 -1.67 -9.03
N ILE A 439 19.74 -0.81 -8.22
CA ILE A 439 18.88 0.27 -8.72
C ILE A 439 19.40 1.64 -8.30
N THR A 440 20.70 1.71 -7.95
CA THR A 440 21.33 2.97 -7.56
C THR A 440 21.06 4.04 -8.64
N HIS A 441 21.17 3.60 -9.90
N HIS A 441 21.17 3.62 -9.91
CA HIS A 441 21.01 4.47 -11.07
CA HIS A 441 21.03 4.52 -11.04
C HIS A 441 19.64 5.15 -11.12
C HIS A 441 19.64 5.16 -11.13
N THR A 442 18.62 4.62 -10.43
CA THR A 442 17.30 5.23 -10.43
C THR A 442 17.25 6.38 -9.43
N TYR A 443 18.13 6.37 -8.41
CA TYR A 443 18.09 7.40 -7.39
C TYR A 443 19.09 8.53 -7.65
N LYS A 444 20.17 8.27 -8.37
CA LYS A 444 21.24 9.25 -8.46
C LYS A 444 22.01 9.02 -9.75
N TYR A 445 22.36 10.13 -10.41
CA TYR A 445 23.27 10.04 -11.55
C TYR A 445 24.66 9.66 -11.06
N PRO A 446 25.42 8.85 -11.81
CA PRO A 446 26.86 8.70 -11.55
C PRO A 446 27.58 10.04 -11.68
N GLU A 447 28.73 10.17 -11.02
CA GLU A 447 29.50 11.41 -11.06
C GLU A 447 30.84 11.17 -11.78
N PRO B 2 21.43 -6.55 12.57
CA PRO B 2 20.74 -5.18 12.90
C PRO B 2 21.35 -4.08 11.98
N PRO B 5 24.38 2.48 13.33
CA PRO B 5 24.85 3.91 12.96
C PRO B 5 26.40 3.81 12.97
N PHE B 6 27.17 4.18 11.75
CA PHE B 6 28.62 4.09 11.67
C PHE B 6 29.18 4.93 12.81
#